data_3FEV
#
_entry.id   3FEV
#
_cell.length_a   27.140
_cell.length_b   71.975
_cell.length_c   89.421
_cell.angle_alpha   90.00
_cell.angle_beta   90.00
_cell.angle_gamma   90.00
#
_symmetry.space_group_name_H-M   'P 21 21 21'
#
loop_
_entity.id
_entity.type
_entity.pdbx_description
1 polymer 'Fusion of Muscarinic toxin 1, Muscarinic m1-toxin1'
2 non-polymer 'SULFATE ION'
3 water water
#
_entity_poly.entity_id   1
_entity_poly.type   'polypeptide(L)'
_entity_poly.pdbx_seq_one_letter_code
;LTCVTSKSIFGITTENCPDGQNLCFKRWQYISPRMYDFTRGCAATCPKAEYRDVINCCGTDKCNK
;
_entity_poly.pdbx_strand_id   A,B,C
#
loop_
_chem_comp.id
_chem_comp.type
_chem_comp.name
_chem_comp.formula
SO4 non-polymer 'SULFATE ION' 'O4 S -2'
#
# COMPACT_ATOMS: atom_id res chain seq x y z
N LEU A 1 -22.74 14.69 -0.52
CA LEU A 1 -22.49 13.23 -0.41
C LEU A 1 -21.34 12.91 0.54
N THR A 2 -21.56 11.96 1.42
CA THR A 2 -20.52 11.43 2.29
C THR A 2 -20.23 9.99 1.87
N CYS A 3 -18.94 9.68 1.77
CA CYS A 3 -18.50 8.35 1.40
C CYS A 3 -17.57 7.76 2.43
N VAL A 4 -17.51 6.44 2.48
CA VAL A 4 -16.55 5.75 3.35
C VAL A 4 -15.19 5.77 2.65
N THR A 5 -14.11 6.06 3.39
CA THR A 5 -12.77 6.03 2.81
C THR A 5 -11.86 4.94 3.37
N SER A 6 -12.19 4.47 4.57
CA SER A 6 -11.56 3.26 5.08
C SER A 6 -12.46 2.58 6.10
N LYS A 7 -12.31 1.28 6.26
CA LYS A 7 -13.14 0.49 7.12
C LYS A 7 -12.38 -0.73 7.72
N SER A 8 -12.62 -0.96 8.99
CA SER A 8 -12.11 -2.13 9.67
C SER A 8 -12.93 -2.35 10.93
N ILE A 9 -12.33 -3.14 11.82
CA ILE A 9 -12.90 -3.35 13.15
C ILE A 9 -13.06 -2.13 13.97
N PHE A 10 -12.23 -1.15 13.82
CA PHE A 10 -12.35 0.09 14.57
C PHE A 10 -13.60 0.87 14.17
N GLY A 11 -14.10 0.59 12.98
CA GLY A 11 -15.27 1.27 12.44
C GLY A 11 -14.95 1.78 11.05
N ILE A 12 -15.55 2.92 10.71
CA ILE A 12 -15.33 3.57 9.43
C ILE A 12 -14.80 5.00 9.59
N THR A 13 -14.04 5.40 8.58
CA THR A 13 -13.70 6.79 8.34
C THR A 13 -14.49 7.22 7.13
N THR A 14 -15.14 8.37 7.25
CA THR A 14 -15.95 8.92 6.20
C THR A 14 -15.40 10.27 5.77
N GLU A 15 -15.77 10.69 4.56
CA GLU A 15 -15.41 11.99 4.01
C GLU A 15 -16.62 12.61 3.37
N ASN A 16 -16.88 13.88 3.70
CA ASN A 16 -17.84 14.70 2.99
C ASN A 16 -17.19 15.05 1.67
N CYS A 17 -17.72 14.50 0.59
CA CYS A 17 -17.09 14.63 -0.72
C CYS A 17 -16.99 16.07 -1.16
N PRO A 18 -15.91 16.41 -1.87
CA PRO A 18 -15.80 17.78 -2.35
C PRO A 18 -16.86 18.10 -3.42
N ASP A 19 -17.02 19.39 -3.71
CA ASP A 19 -18.00 19.85 -4.71
C ASP A 19 -17.82 19.17 -6.06
N GLY A 20 -18.91 18.71 -6.65
CA GLY A 20 -18.88 18.02 -7.95
C GLY A 20 -18.62 16.52 -7.89
N GLN A 21 -18.17 16.05 -6.73
CA GLN A 21 -17.95 14.62 -6.52
C GLN A 21 -19.16 13.98 -5.85
N ASN A 22 -20.06 13.48 -6.67
CA ASN A 22 -21.34 12.97 -6.19
C ASN A 22 -21.49 11.46 -6.33
N LEU A 23 -20.36 10.76 -6.38
CA LEU A 23 -20.35 9.30 -6.30
C LEU A 23 -19.41 8.81 -5.21
N CYS A 24 -19.76 7.67 -4.63
CA CYS A 24 -18.82 6.86 -3.86
C CYS A 24 -18.34 5.73 -4.73
N PHE A 25 -17.12 5.28 -4.49
CA PHE A 25 -16.55 4.16 -5.24
C PHE A 25 -15.96 3.08 -4.34
N LYS A 26 -15.86 1.90 -4.93
CA LYS A 26 -15.04 0.82 -4.42
C LYS A 26 -14.22 0.38 -5.63
N ARG A 27 -12.92 0.20 -5.44
CA ARG A 27 -12.05 -0.24 -6.54
C ARG A 27 -11.14 -1.38 -6.10
N TRP A 28 -11.11 -2.42 -6.93
CA TRP A 28 -10.13 -3.50 -6.76
C TRP A 28 -9.11 -3.33 -7.87
N GLN A 29 -7.86 -3.08 -7.48
CA GLN A 29 -6.75 -2.91 -8.41
C GLN A 29 -5.95 -4.19 -8.48
N TYR A 30 -5.87 -4.75 -9.68
CA TYR A 30 -5.04 -5.93 -9.90
C TYR A 30 -3.58 -5.54 -9.77
N ILE A 31 -2.87 -6.28 -8.94
CA ILE A 31 -1.45 -6.06 -8.72
C ILE A 31 -0.62 -7.17 -9.36
N SER A 32 -1.02 -8.41 -9.11
CA SER A 32 -0.38 -9.59 -9.68
C SER A 32 -1.43 -10.72 -9.63
N PRO A 33 -1.14 -11.90 -10.21
CA PRO A 33 -2.15 -12.98 -10.19
C PRO A 33 -2.69 -13.34 -8.81
N ARG A 34 -1.92 -13.09 -7.76
CA ARG A 34 -2.33 -13.47 -6.41
C ARG A 34 -2.62 -12.27 -5.51
N MET A 35 -2.70 -11.08 -6.08
CA MET A 35 -2.91 -9.88 -5.29
C MET A 35 -3.80 -8.78 -5.89
N TYR A 36 -4.76 -8.35 -5.12
CA TYR A 36 -5.58 -7.18 -5.43
C TYR A 36 -5.46 -6.18 -4.31
N ASP A 37 -5.39 -4.90 -4.65
CA ASP A 37 -5.38 -3.84 -3.66
C ASP A 37 -6.71 -3.10 -3.70
N PHE A 38 -7.26 -2.79 -2.53
CA PHE A 38 -8.62 -2.24 -2.42
C PHE A 38 -8.64 -0.78 -1.96
N THR A 39 -9.44 0.03 -2.65
CA THR A 39 -9.63 1.43 -2.26
C THR A 39 -11.11 1.77 -2.29
N ARG A 40 -11.50 2.78 -1.52
CA ARG A 40 -12.88 3.27 -1.54
C ARG A 40 -12.85 4.75 -1.19
N GLY A 41 -13.81 5.50 -1.71
CA GLY A 41 -13.88 6.92 -1.42
C GLY A 41 -14.87 7.65 -2.30
N CYS A 42 -14.60 8.95 -2.51
CA CYS A 42 -15.44 9.84 -3.33
C CYS A 42 -14.94 9.94 -4.77
N ALA A 43 -15.85 10.19 -5.70
CA ALA A 43 -15.50 10.39 -7.11
C ALA A 43 -16.49 11.30 -7.84
N ALA A 44 -16.01 11.94 -8.91
CA ALA A 44 -16.85 12.77 -9.78
C ALA A 44 -17.57 11.95 -10.86
N THR A 45 -16.87 10.93 -11.36
CA THR A 45 -17.40 10.05 -12.39
C THR A 45 -17.04 8.62 -12.04
N CYS A 46 -17.70 7.67 -12.68
CA CYS A 46 -17.38 6.26 -12.51
C CYS A 46 -16.65 5.76 -13.76
N PRO A 47 -15.31 5.77 -13.72
CA PRO A 47 -14.51 5.37 -14.87
C PRO A 47 -14.68 3.88 -15.18
N LYS A 48 -14.58 3.52 -16.45
CA LYS A 48 -14.53 2.12 -16.85
C LYS A 48 -13.21 1.52 -16.38
N ALA A 49 -13.31 0.45 -15.60
CA ALA A 49 -12.10 -0.23 -15.13
C ALA A 49 -11.33 -0.84 -16.29
N GLU A 50 -10.00 -0.70 -16.26
CA GLU A 50 -9.17 -1.45 -17.21
C GLU A 50 -9.15 -2.91 -16.82
N TYR A 51 -8.85 -3.73 -17.81
CA TYR A 51 -8.80 -5.15 -17.63
C TYR A 51 -8.09 -5.60 -16.32
N ARG A 52 -8.80 -6.45 -15.61
CA ARG A 52 -8.41 -7.08 -14.34
C ARG A 52 -8.84 -6.26 -13.10
N ASP A 53 -9.05 -4.97 -13.28
CA ASP A 53 -9.62 -4.13 -12.22
C ASP A 53 -11.13 -4.27 -12.16
N VAL A 54 -11.70 -3.89 -11.01
CA VAL A 54 -13.15 -3.80 -10.88
C VAL A 54 -13.44 -2.47 -10.17
N ILE A 55 -14.35 -1.67 -10.71
CA ILE A 55 -14.77 -0.41 -10.06
C ILE A 55 -16.29 -0.42 -9.94
N ASN A 56 -16.80 -0.19 -8.72
CA ASN A 56 -18.23 -0.11 -8.51
C ASN A 56 -18.54 1.24 -7.88
N CYS A 57 -19.53 1.95 -8.41
CA CYS A 57 -19.90 3.28 -7.89
C CYS A 57 -21.36 3.32 -7.50
N CYS A 58 -21.65 4.19 -6.53
CA CYS A 58 -23.02 4.40 -6.06
C CYS A 58 -23.17 5.83 -5.59
N GLY A 59 -24.41 6.28 -5.41
CA GLY A 59 -24.64 7.71 -5.20
C GLY A 59 -25.37 8.16 -3.94
N THR A 60 -25.42 7.30 -2.93
CA THR A 60 -26.09 7.66 -1.69
C THR A 60 -25.13 7.58 -0.52
N ASP A 61 -25.44 8.30 0.54
CA ASP A 61 -24.56 8.42 1.70
C ASP A 61 -24.04 7.08 2.18
N LYS A 62 -22.72 6.98 2.27
CA LYS A 62 -22.03 5.79 2.81
C LYS A 62 -22.44 4.50 2.10
N CYS A 63 -22.83 4.61 0.84
CA CYS A 63 -23.25 3.43 0.05
C CYS A 63 -22.11 2.44 -0.23
N ASN A 64 -20.87 2.92 -0.14
CA ASN A 64 -19.69 2.09 -0.37
C ASN A 64 -19.10 1.50 0.92
N LYS A 65 -19.88 1.48 2.00
CA LYS A 65 -19.41 0.88 3.26
C LYS A 65 -19.36 -0.65 3.22
N LEU B 1 2.39 2.48 4.11
CA LEU B 1 2.22 1.09 4.59
C LEU B 1 1.08 0.38 3.89
N THR B 2 1.34 -0.85 3.47
CA THR B 2 0.30 -1.73 2.89
C THR B 2 0.12 -2.94 3.81
N CYS B 3 -1.14 -3.28 4.07
CA CYS B 3 -1.48 -4.45 4.89
C CYS B 3 -2.36 -5.44 4.16
N VAL B 4 -2.25 -6.72 4.50
CA VAL B 4 -3.16 -7.74 4.00
C VAL B 4 -4.52 -7.59 4.70
N THR B 5 -5.61 -7.80 3.95
CA THR B 5 -6.97 -7.79 4.53
C THR B 5 -7.71 -9.12 4.42
N SER B 6 -7.31 -9.97 3.47
CA SER B 6 -7.91 -11.31 3.38
C SER B 6 -7.10 -12.25 2.50
N LYS B 7 -7.32 -13.56 2.67
CA LYS B 7 -6.85 -14.63 1.79
C LYS B 7 -7.98 -15.55 1.28
N SER B 8 -8.08 -15.61 -0.04
CA SER B 8 -9.06 -16.45 -0.73
C SER B 8 -8.43 -17.74 -1.22
N ILE B 9 -8.97 -18.36 -2.29
CA ILE B 9 -8.49 -19.66 -2.77
C ILE B 9 -7.07 -19.50 -3.38
N PHE B 10 -6.90 -18.47 -4.21
CA PHE B 10 -5.72 -18.36 -5.04
C PHE B 10 -4.96 -17.04 -4.85
N GLY B 11 -5.39 -16.21 -3.90
CA GLY B 11 -4.70 -14.94 -3.65
C GLY B 11 -5.13 -14.15 -2.44
N ILE B 12 -4.57 -12.95 -2.32
CA ILE B 12 -4.87 -12.06 -1.20
C ILE B 12 -5.41 -10.71 -1.64
N THR B 13 -6.02 -10.02 -0.70
CA THR B 13 -6.44 -8.65 -0.88
C THR B 13 -5.64 -7.80 0.09
N THR B 14 -5.19 -6.64 -0.37
CA THR B 14 -4.42 -5.69 0.44
C THR B 14 -5.05 -4.31 0.45
N GLU B 15 -4.57 -3.46 1.36
CA GLU B 15 -4.92 -2.05 1.40
C GLU B 15 -3.69 -1.22 1.69
N ASN B 16 -3.54 -0.10 0.98
CA ASN B 16 -2.56 0.92 1.33
C ASN B 16 -3.18 1.73 2.46
N CYS B 17 -2.56 1.71 3.64
CA CYS B 17 -3.18 2.28 4.82
C CYS B 17 -3.31 3.80 4.74
N PRO B 18 -4.37 4.35 5.37
CA PRO B 18 -4.49 5.81 5.40
C PRO B 18 -3.32 6.42 6.16
N ASP B 19 -2.98 7.67 5.82
CA ASP B 19 -1.95 8.39 6.56
C ASP B 19 -2.24 8.28 8.05
N GLY B 20 -1.21 8.08 8.86
CA GLY B 20 -1.38 7.96 10.31
C GLY B 20 -1.83 6.58 10.79
N GLN B 21 -2.14 5.69 9.86
CA GLN B 21 -2.32 4.28 10.21
C GLN B 21 -1.04 3.55 9.82
N ASN B 22 -0.15 3.40 10.79
CA ASN B 22 1.18 2.85 10.53
C ASN B 22 1.37 1.44 11.09
N LEU B 23 0.24 0.77 11.28
CA LEU B 23 0.23 -0.61 11.74
C LEU B 23 -0.62 -1.49 10.88
N CYS B 24 -0.18 -2.73 10.72
CA CYS B 24 -1.04 -3.82 10.29
C CYS B 24 -1.42 -4.63 11.52
N PHE B 25 -2.62 -5.20 11.51
CA PHE B 25 -3.03 -6.12 12.60
C PHE B 25 -3.60 -7.41 12.06
N LYS B 26 -3.54 -8.43 12.91
CA LYS B 26 -4.35 -9.64 12.80
C LYS B 26 -5.00 -9.85 14.15
N ARG B 27 -6.27 -10.24 14.15
CA ARG B 27 -6.95 -10.53 15.40
C ARG B 27 -7.77 -11.79 15.31
N TRP B 28 -7.55 -12.69 16.26
CA TRP B 28 -8.46 -13.79 16.50
C TRP B 28 -9.25 -13.40 17.74
N GLN B 29 -10.52 -13.06 17.54
CA GLN B 29 -11.36 -12.62 18.64
C GLN B 29 -12.17 -13.82 19.15
N TYR B 30 -12.08 -14.09 20.45
CA TYR B 30 -12.89 -15.11 21.07
C TYR B 30 -14.34 -14.70 21.01
N ILE B 31 -15.19 -15.57 20.49
CA ILE B 31 -16.62 -15.30 20.41
C ILE B 31 -17.39 -16.16 21.42
N SER B 32 -17.08 -17.44 21.44
CA SER B 32 -17.71 -18.41 22.35
C SER B 32 -16.77 -19.63 22.40
N PRO B 33 -17.05 -20.60 23.28
CA PRO B 33 -16.01 -21.63 23.53
C PRO B 33 -15.42 -22.34 22.31
N ARG B 34 -16.20 -22.51 21.25
CA ARG B 34 -15.66 -23.14 20.04
C ARG B 34 -15.65 -22.27 18.78
N MET B 35 -15.55 -20.96 18.98
N MET B 35 -15.62 -20.95 18.97
CA MET B 35 -15.57 -20.03 17.86
CA MET B 35 -15.68 -20.05 17.82
C MET B 35 -14.66 -18.82 18.04
C MET B 35 -14.87 -18.78 17.99
N TYR B 36 -13.84 -18.58 17.03
N TYR B 36 -13.93 -18.58 17.07
CA TYR B 36 -13.02 -17.37 16.91
CA TYR B 36 -13.17 -17.35 16.95
C TYR B 36 -13.31 -16.66 15.61
C TYR B 36 -13.52 -16.64 15.64
N ASP B 37 -13.37 -15.32 15.65
CA ASP B 37 -13.58 -14.49 14.44
C ASP B 37 -12.22 -13.87 14.08
N PHE B 38 -11.82 -14.02 12.81
CA PHE B 38 -10.51 -13.57 12.38
C PHE B 38 -10.64 -12.35 11.49
N THR B 39 -9.89 -11.30 11.85
CA THR B 39 -9.83 -10.07 11.06
C THR B 39 -8.39 -9.66 10.88
N ARG B 40 -8.16 -8.85 9.86
CA ARG B 40 -6.85 -8.26 9.61
C ARG B 40 -6.99 -7.03 8.75
N GLY B 41 -6.05 -6.11 8.88
CA GLY B 41 -6.10 -4.89 8.11
C GLY B 41 -5.14 -3.84 8.63
N CYS B 42 -5.43 -2.59 8.27
CA CYS B 42 -4.65 -1.43 8.69
C CYS B 42 -5.22 -0.88 9.99
N ALA B 43 -4.36 -0.24 10.78
CA ALA B 43 -4.80 0.42 12.00
C ALA B 43 -3.88 1.53 12.42
N ALA B 44 -4.45 2.49 13.12
CA ALA B 44 -3.68 3.59 13.69
C ALA B 44 -3.12 3.21 15.08
N THR B 45 -3.85 2.35 15.80
CA THR B 45 -3.46 1.87 17.12
C THR B 45 -3.66 0.37 17.15
N CYS B 46 -3.03 -0.32 18.09
CA CYS B 46 -3.20 -1.77 18.16
C CYS B 46 -4.47 -2.08 18.93
N PRO B 47 -5.38 -2.88 18.33
CA PRO B 47 -6.64 -3.25 19.00
C PRO B 47 -6.37 -3.77 20.40
N LYS B 48 -7.26 -3.42 21.32
CA LYS B 48 -7.14 -3.89 22.68
C LYS B 48 -7.61 -5.34 22.74
N ALA B 49 -6.76 -6.18 23.32
CA ALA B 49 -7.05 -7.59 23.53
C ALA B 49 -7.94 -7.74 24.76
N GLU B 50 -8.96 -8.54 24.64
CA GLU B 50 -9.71 -8.92 25.81
C GLU B 50 -9.29 -10.34 26.10
N TYR B 51 -9.59 -10.85 27.28
CA TYR B 51 -9.16 -12.20 27.60
C TYR B 51 -9.70 -13.26 26.54
N ARG B 52 -8.77 -14.12 26.16
CA ARG B 52 -8.86 -15.18 25.21
C ARG B 52 -8.66 -14.70 23.72
N ASP B 53 -8.58 -13.41 23.49
CA ASP B 53 -8.21 -12.89 22.15
C ASP B 53 -6.71 -13.09 21.88
N VAL B 54 -6.38 -13.23 20.60
CA VAL B 54 -4.99 -13.19 20.15
C VAL B 54 -4.84 -12.10 19.09
N ILE B 55 -3.84 -11.23 19.26
CA ILE B 55 -3.62 -10.11 18.35
C ILE B 55 -2.14 -9.99 18.04
N ASN B 56 -1.84 -9.76 16.75
CA ASN B 56 -0.52 -9.29 16.37
C ASN B 56 -0.65 -7.96 15.66
N CYS B 57 0.20 -7.03 16.06
CA CYS B 57 0.31 -5.73 15.42
C CYS B 57 1.76 -5.56 15.04
N CYS B 58 1.98 -5.06 13.83
CA CYS B 58 3.33 -4.96 13.30
C CYS B 58 3.35 -3.79 12.32
N GLY B 59 4.55 -3.32 11.97
CA GLY B 59 4.66 -2.06 11.24
C GLY B 59 5.39 -2.06 9.92
N THR B 60 5.53 -3.23 9.28
CA THR B 60 6.20 -3.30 7.98
C THR B 60 5.25 -3.86 6.93
N ASP B 61 5.56 -3.59 5.67
CA ASP B 61 4.68 -3.93 4.54
C ASP B 61 4.23 -5.40 4.58
N LYS B 62 2.91 -5.57 4.57
CA LYS B 62 2.24 -6.89 4.57
C LYS B 62 2.70 -7.82 5.70
N CYS B 63 3.14 -7.25 6.81
CA CYS B 63 3.64 -8.05 7.92
C CYS B 63 2.55 -8.92 8.56
N ASN B 64 1.29 -8.63 8.25
CA ASN B 64 0.17 -9.39 8.78
C ASN B 64 -0.32 -10.44 7.77
N LYS B 65 0.52 -10.74 6.79
CA LYS B 65 0.22 -11.80 5.82
C LYS B 65 -0.10 -13.11 6.53
N LEU C 1 9.65 -6.33 -1.40
CA LEU C 1 9.81 -4.86 -1.57
C LEU C 1 9.67 -4.52 -3.04
N THR C 2 8.97 -3.43 -3.32
CA THR C 2 8.83 -2.89 -4.66
C THR C 2 9.47 -1.50 -4.74
N CYS C 3 10.30 -1.29 -5.76
CA CYS C 3 10.95 -0.01 -5.99
C CYS C 3 10.62 0.55 -7.37
N VAL C 4 10.65 1.88 -7.47
CA VAL C 4 10.56 2.53 -8.76
C VAL C 4 11.90 2.33 -9.50
N THR C 5 11.84 2.05 -10.80
CA THR C 5 13.04 2.00 -11.64
C THR C 5 13.06 3.10 -12.70
N SER C 6 11.91 3.64 -13.05
CA SER C 6 11.86 4.81 -13.91
C SER C 6 10.53 5.53 -13.76
N LYS C 7 10.56 6.82 -14.08
CA LYS C 7 9.40 7.69 -13.88
C LYS C 7 9.40 8.77 -14.94
N SER C 8 8.22 9.00 -15.52
CA SER C 8 8.04 10.06 -16.50
C SER C 8 6.58 10.49 -16.48
N ILE C 9 6.26 11.46 -17.32
CA ILE C 9 4.88 11.87 -17.55
C ILE C 9 4.00 10.72 -18.00
N PHE C 10 4.60 9.66 -18.52
CA PHE C 10 3.84 8.52 -19.00
C PHE C 10 3.44 7.56 -17.89
N GLY C 11 4.08 7.67 -16.73
CA GLY C 11 3.82 6.78 -15.60
C GLY C 11 5.10 6.30 -14.96
N ILE C 12 5.02 5.14 -14.30
N ILE C 12 5.02 5.20 -14.22
CA ILE C 12 6.11 4.61 -13.49
CA ILE C 12 6.22 4.64 -13.59
C ILE C 12 6.38 3.16 -13.93
C ILE C 12 6.40 3.16 -13.85
N THR C 13 7.66 2.77 -13.92
CA THR C 13 8.04 1.36 -14.05
C THR C 13 8.59 0.99 -12.69
N THR C 14 8.18 -0.18 -12.20
CA THR C 14 8.61 -0.67 -10.92
C THR C 14 9.22 -2.06 -11.04
N GLU C 15 9.93 -2.47 -10.00
N GLU C 15 9.89 -2.48 -9.98
CA GLU C 15 10.46 -3.83 -9.92
CA GLU C 15 10.44 -3.82 -9.88
C GLU C 15 10.17 -4.38 -8.52
C GLU C 15 10.19 -4.38 -8.50
N ASN C 16 9.75 -5.63 -8.47
CA ASN C 16 9.66 -6.36 -7.22
C ASN C 16 11.08 -6.89 -6.98
N CYS C 17 11.70 -6.41 -5.92
CA CYS C 17 13.13 -6.57 -5.76
C CYS C 17 13.55 -8.02 -5.63
N PRO C 18 14.71 -8.37 -6.18
CA PRO C 18 15.24 -9.72 -6.01
C PRO C 18 15.43 -10.04 -4.53
N ASP C 19 15.41 -11.33 -4.21
CA ASP C 19 15.70 -11.78 -2.86
C ASP C 19 17.01 -11.15 -2.38
N GLY C 20 17.03 -10.69 -1.13
CA GLY C 20 18.22 -10.07 -0.55
C GLY C 20 18.44 -8.61 -0.89
N GLN C 21 17.64 -8.05 -1.79
CA GLN C 21 17.72 -6.63 -2.12
C GLN C 21 16.54 -5.97 -1.46
N ASN C 22 16.77 -5.41 -0.28
CA ASN C 22 15.69 -4.86 0.52
C ASN C 22 15.77 -3.35 0.75
N LEU C 23 16.44 -2.67 -0.16
CA LEU C 23 16.43 -1.23 -0.22
C LEU C 23 16.02 -0.75 -1.62
N CYS C 24 15.42 0.41 -1.65
CA CYS C 24 15.30 1.14 -2.90
C CYS C 24 16.36 2.22 -2.90
N PHE C 25 16.80 2.60 -4.08
CA PHE C 25 17.83 3.61 -4.18
C PHE C 25 17.53 4.63 -5.27
N LYS C 26 18.09 5.83 -5.09
CA LYS C 26 18.21 6.84 -6.14
C LYS C 26 19.68 7.20 -6.21
N ARG C 27 20.26 7.15 -7.41
N ARG C 27 20.23 7.27 -7.38
CA ARG C 27 21.68 7.43 -7.56
CA ARG C 27 21.65 7.48 -7.51
C ARG C 27 21.92 8.46 -8.64
C ARG C 27 22.00 8.41 -8.65
N TRP C 28 22.69 9.49 -8.31
CA TRP C 28 23.16 10.49 -9.28
C TRP C 28 24.64 10.24 -9.54
N GLN C 29 24.99 9.81 -10.75
CA GLN C 29 26.39 9.60 -11.12
C GLN C 29 26.89 10.83 -11.86
N TYR C 30 27.90 11.47 -11.29
CA TYR C 30 28.47 12.64 -11.92
C TYR C 30 29.26 12.26 -13.17
N ILE C 31 29.11 13.05 -14.23
CA ILE C 31 29.87 12.92 -15.43
C ILE C 31 30.42 14.32 -15.72
N SER C 32 31.73 14.43 -15.81
CA SER C 32 32.39 15.72 -16.02
C SER C 32 32.18 16.20 -17.47
N PRO C 33 31.90 17.49 -17.68
CA PRO C 33 31.48 18.51 -16.75
C PRO C 33 29.93 18.60 -16.59
N ARG C 34 29.51 18.90 -15.38
CA ARG C 34 28.17 19.38 -15.06
C ARG C 34 27.08 18.49 -15.64
N MET C 35 27.22 17.19 -15.46
N MET C 35 27.18 17.18 -15.41
CA MET C 35 26.19 16.24 -15.87
CA MET C 35 26.16 16.24 -15.85
C MET C 35 25.97 15.21 -14.78
C MET C 35 25.93 15.16 -14.80
N TYR C 36 24.68 14.85 -14.55
CA TYR C 36 24.29 13.68 -13.72
C TYR C 36 23.51 12.61 -14.49
N ASP C 37 23.99 11.48 -14.61
N ASP C 37 24.05 11.28 -14.45
CA ASP C 37 23.12 10.40 -15.04
CA ASP C 37 23.30 10.13 -14.94
C ASP C 37 22.46 9.83 -13.79
C ASP C 37 22.48 9.60 -13.78
N PHE C 38 21.14 9.75 -13.86
CA PHE C 38 20.30 9.42 -12.72
C PHE C 38 19.65 8.06 -12.88
N THR C 39 19.71 7.25 -11.82
CA THR C 39 19.14 5.91 -11.81
C THR C 39 18.34 5.68 -10.54
N ARG C 40 17.42 4.71 -10.62
N ARG C 40 17.37 4.76 -10.61
CA ARG C 40 16.57 4.28 -9.51
CA ARG C 40 16.62 4.30 -9.44
C ARG C 40 16.45 2.76 -9.59
C ARG C 40 16.36 2.81 -9.58
N GLY C 41 16.38 2.09 -8.45
CA GLY C 41 16.07 0.67 -8.45
C GLY C 41 16.13 0.03 -7.08
N CYS C 42 16.40 -1.28 -7.09
CA CYS C 42 16.53 -2.09 -5.89
C CYS C 42 18.01 -2.30 -5.57
N ALA C 43 18.31 -2.51 -4.30
CA ALA C 43 19.70 -2.72 -3.87
C ALA C 43 19.79 -3.51 -2.58
N ALA C 44 20.89 -4.23 -2.40
CA ALA C 44 21.14 -4.99 -1.17
C ALA C 44 21.75 -4.11 -0.07
N THR C 45 22.67 -3.22 -0.48
N THR C 45 22.66 -3.22 -0.47
CA THR C 45 23.35 -2.30 0.43
CA THR C 45 23.26 -2.26 0.44
C THR C 45 23.42 -0.92 -0.23
C THR C 45 23.27 -0.88 -0.19
N CYS C 46 23.71 0.10 0.59
CA CYS C 46 23.80 1.47 0.13
C CYS C 46 25.26 1.94 0.24
N PRO C 47 26.11 1.64 -0.77
CA PRO C 47 27.53 1.98 -0.67
C PRO C 47 27.75 3.49 -0.59
N LYS C 48 28.85 3.90 0.04
CA LYS C 48 29.20 5.32 0.13
C LYS C 48 29.54 5.87 -1.25
N ALA C 49 28.96 7.00 -1.58
CA ALA C 49 29.25 7.69 -2.83
C ALA C 49 30.64 8.32 -2.82
N GLU C 50 31.23 8.40 -4.02
CA GLU C 50 32.53 9.03 -4.22
C GLU C 50 32.38 10.39 -4.90
N TYR C 51 33.28 11.30 -4.57
CA TYR C 51 33.39 12.58 -5.25
C TYR C 51 32.03 13.31 -5.37
N ARG C 52 31.55 13.54 -6.59
CA ARG C 52 30.30 14.28 -6.81
C ARG C 52 29.07 13.39 -7.01
N ASP C 53 29.24 12.09 -6.85
CA ASP C 53 28.11 11.15 -6.92
C ASP C 53 27.29 11.27 -5.66
N VAL C 54 26.00 10.99 -5.77
CA VAL C 54 25.11 10.98 -4.62
C VAL C 54 24.25 9.71 -4.65
N ILE C 55 24.07 9.07 -3.51
CA ILE C 55 23.13 7.97 -3.41
C ILE C 55 22.22 8.18 -2.21
N ASN C 56 20.94 7.94 -2.41
CA ASN C 56 19.96 7.93 -1.32
C ASN C 56 19.24 6.58 -1.32
N CYS C 57 19.19 5.92 -0.18
CA CYS C 57 18.48 4.64 -0.05
C CYS C 57 17.41 4.70 1.03
N CYS C 58 16.41 3.84 0.88
CA CYS C 58 15.28 3.78 1.81
C CYS C 58 14.71 2.37 1.77
N GLY C 59 13.91 2.02 2.77
CA GLY C 59 13.48 0.62 2.95
C GLY C 59 12.00 0.31 2.84
N THR C 60 11.22 1.26 2.36
CA THR C 60 9.77 1.07 2.28
C THR C 60 9.28 1.12 0.83
N ASP C 61 8.06 0.65 0.61
N ASP C 61 8.10 0.55 0.61
N ASP C 61 8.07 0.62 0.61
CA ASP C 61 7.61 0.40 -0.74
CA ASP C 61 7.48 0.44 -0.71
CA ASP C 61 7.51 0.43 -0.71
C ASP C 61 7.49 1.66 -1.60
C ASP C 61 7.61 1.71 -1.53
C ASP C 61 7.54 1.69 -1.57
N LYS C 62 8.16 1.59 -2.74
CA LYS C 62 8.27 2.72 -3.70
C LYS C 62 8.78 4.02 -3.08
N CYS C 63 9.63 3.89 -2.05
CA CYS C 63 10.11 5.05 -1.31
C CYS C 63 11.03 5.93 -2.15
N ASN C 64 11.56 5.36 -3.23
CA ASN C 64 12.47 6.07 -4.13
C ASN C 64 11.77 6.73 -5.31
N LYS C 65 10.45 6.88 -5.20
CA LYS C 65 9.61 7.48 -6.25
C LYS C 65 9.93 8.95 -6.52
S SO4 D . -14.92 -5.27 19.20
O1 SO4 D . -13.53 -5.27 19.67
O2 SO4 D . -15.66 -6.31 19.91
O3 SO4 D . -15.50 -3.95 19.48
O4 SO4 D . -14.93 -5.58 17.77
S SO4 E . 13.50 -13.42 -6.63
O1 SO4 E . 14.91 -13.11 -6.40
O2 SO4 E . 12.81 -13.49 -5.34
O3 SO4 E . 12.90 -12.37 -7.44
O4 SO4 E . 13.42 -14.71 -7.31
#